data_6WX7
#
_entry.id   6WX7
#
_cell.length_a   78.070
_cell.length_b   91.291
_cell.length_c   97.590
_cell.angle_alpha   90.000
_cell.angle_beta   90.000
_cell.angle_gamma   90.000
#
_symmetry.space_group_name_H-M   'P 21 21 21'
#
loop_
_entity.id
_entity.type
_entity.pdbx_description
1 polymer 'Importin subunit alpha-1'
2 polymer 'Transcription factor SOX-2'
3 water water
#
loop_
_entity_poly.entity_id
_entity_poly.type
_entity_poly.pdbx_seq_one_letter_code
_entity_poly.pdbx_strand_id
1 'polypeptide(L)'
;MHHHHHHSSGLVPRGSGMLETAAALFERNHMDSPDLGTDDDDLAMADIGSNQGTVNWSVEDIVKGINSNNLESQLQATQA
ARKLLSREKQPPIDNIIRAGLIPKFVSFLGKTDCSPIQFESAWALTNIASGTSEQTKAVVDGGAIPAFISLLASPHAHIS
EQAVWALGNIAGDGSAFRDLVIKHGAIDPLLALLAVPDLSTLACGYLRNLTWTLSNLCRNKNPAPPLDAVEQILPTLVRL
LHHNDPEVLADSCWAISYLTDGPNERIEMVVKKGVVPQLVKLLGATELPIVTPALRAIGNIVTGTDEQTQKVIDAGALAV
FPSLLTNPKTNIQKEATWTMSNITAGRQDQIQQVVNHGLVPFLVGVLSKADFKTQKEAAWAITNYTSGGTVEQIVYLVHC
GIIEPLMNLLSAKDTKIIQVILDAISNIFQAAEKLGETEKLSIMIEECGGLDKIEALQRHENESVYKASLNLIEKYFSVE
EEEDQNVVPETTSEGFAFQVQDGAPGTFNF
;
A
2 'polypeptide(L)'
;SDRVKRPMNAFMVWSRGQRRKMAQENPKMHNSEISKRLGAEWKLLSETEKRPFIDEAKRLRALHMKEHPDYKYRPRRKTK
TLMKKDKYTL
;
B
#
# COMPACT_ATOMS: atom_id res chain seq x y z
N GLY A 53 -35.98 -1.48 25.09
CA GLY A 53 -36.32 -2.88 24.98
C GLY A 53 -35.12 -3.78 25.18
N THR A 54 -34.29 -3.90 24.15
CA THR A 54 -33.05 -4.66 24.22
C THR A 54 -31.84 -3.78 24.48
N VAL A 55 -32.05 -2.62 25.11
CA VAL A 55 -30.99 -1.65 25.33
C VAL A 55 -30.46 -1.80 26.75
N ASN A 56 -29.13 -1.90 26.86
CA ASN A 56 -28.44 -1.94 28.16
C ASN A 56 -28.81 -3.18 28.96
N TRP A 57 -28.65 -4.34 28.34
CA TRP A 57 -28.79 -5.60 29.08
C TRP A 57 -27.47 -5.93 29.79
N SER A 58 -27.59 -6.72 30.85
CA SER A 58 -26.42 -7.28 31.50
C SER A 58 -26.01 -8.57 30.78
N VAL A 59 -24.74 -8.92 30.92
CA VAL A 59 -24.25 -10.17 30.36
C VAL A 59 -25.00 -11.35 30.98
N GLU A 60 -25.33 -11.27 32.26
CA GLU A 60 -26.05 -12.33 32.92
C GLU A 60 -27.45 -12.52 32.33
N ASP A 61 -28.12 -11.41 32.00
CA ASP A 61 -29.45 -11.51 31.38
C ASP A 61 -29.36 -12.08 29.97
N ILE A 62 -28.35 -11.66 29.21
CA ILE A 62 -28.17 -12.18 27.85
C ILE A 62 -27.96 -13.69 27.89
N VAL A 63 -27.14 -14.16 28.84
CA VAL A 63 -26.90 -15.60 28.96
C VAL A 63 -28.18 -16.33 29.34
N LYS A 64 -28.99 -15.73 30.21
CA LYS A 64 -30.21 -16.38 30.66
C LYS A 64 -31.20 -16.56 29.52
N GLY A 65 -31.25 -15.60 28.60
CA GLY A 65 -32.17 -15.67 27.48
C GLY A 65 -31.71 -16.58 26.36
N ILE A 66 -30.40 -16.56 26.07
CA ILE A 66 -29.87 -17.45 25.05
C ILE A 66 -29.95 -18.91 25.50
N ASN A 67 -29.77 -19.15 26.80
CA ASN A 67 -29.85 -20.51 27.33
C ASN A 67 -31.28 -21.00 27.51
N SER A 68 -32.27 -20.14 27.33
CA SER A 68 -33.65 -20.61 27.29
C SER A 68 -33.87 -21.45 26.04
N ASN A 69 -34.92 -22.26 26.08
CA ASN A 69 -35.31 -23.11 24.94
C ASN A 69 -36.39 -22.46 24.10
N ASN A 70 -36.33 -21.14 23.96
CA ASN A 70 -37.33 -20.34 23.25
C ASN A 70 -36.62 -19.53 22.18
N LEU A 71 -36.94 -19.79 20.91
CA LEU A 71 -36.23 -19.15 19.81
C LEU A 71 -36.42 -17.63 19.83
N GLU A 72 -37.59 -17.15 20.25
CA GLU A 72 -37.82 -15.72 20.28
C GLU A 72 -37.14 -15.05 21.48
N SER A 73 -37.09 -15.75 22.61
CA SER A 73 -36.29 -15.27 23.73
C SER A 73 -34.81 -15.22 23.35
N GLN A 74 -34.35 -16.21 22.58
CA GLN A 74 -32.97 -16.21 22.10
C GLN A 74 -32.73 -15.09 21.12
N LEU A 75 -33.72 -14.77 20.29
CA LEU A 75 -33.60 -13.64 19.37
C LEU A 75 -33.46 -12.32 20.12
N GLN A 76 -34.28 -12.14 21.16
CA GLN A 76 -34.20 -10.91 21.96
C GLN A 76 -32.82 -10.76 22.59
N ALA A 77 -32.28 -11.84 23.13
CA ALA A 77 -30.99 -11.76 23.82
C ALA A 77 -29.85 -11.51 22.83
N THR A 78 -29.90 -12.16 21.67
CA THR A 78 -28.85 -11.95 20.66
C THR A 78 -28.84 -10.50 20.18
N GLN A 79 -30.02 -9.90 20.00
CA GLN A 79 -30.08 -8.49 19.64
C GLN A 79 -29.47 -7.62 20.73
N ALA A 80 -29.77 -7.93 21.99
CA ALA A 80 -29.16 -7.20 23.10
C ALA A 80 -27.65 -7.37 23.13
N ALA A 81 -27.16 -8.55 22.74
CA ALA A 81 -25.72 -8.75 22.65
C ALA A 81 -25.12 -7.95 21.50
N ARG A 82 -25.82 -7.89 20.37
CA ARG A 82 -25.35 -7.09 19.24
C ARG A 82 -25.27 -5.61 19.62
N LYS A 83 -26.23 -5.13 20.39
CA LYS A 83 -26.23 -3.71 20.76
C LYS A 83 -25.11 -3.39 21.74
N LEU A 84 -24.78 -4.33 22.64
CA LEU A 84 -23.62 -4.14 23.50
C LEU A 84 -22.34 -4.05 22.68
N LEU A 85 -22.16 -4.99 21.74
CA LEU A 85 -20.93 -5.08 20.97
C LEU A 85 -20.79 -3.98 19.93
N SER A 86 -21.84 -3.22 19.65
CA SER A 86 -21.79 -2.13 18.67
C SER A 86 -21.72 -0.75 19.31
N ARG A 87 -21.43 -0.68 20.61
CA ARG A 87 -21.26 0.61 21.27
C ARG A 87 -19.84 1.10 21.05
N GLU A 88 -19.68 2.43 21.06
CA GLU A 88 -18.39 3.03 20.76
C GLU A 88 -17.41 2.87 21.92
N LYS A 89 -17.90 2.92 23.16
CA LYS A 89 -17.04 2.95 24.33
C LYS A 89 -16.84 1.54 24.85
N GLN A 90 -15.64 0.99 24.60
CA GLN A 90 -15.17 -0.28 25.15
C GLN A 90 -16.22 -1.38 25.06
N PRO A 91 -16.46 -1.96 23.88
CA PRO A 91 -17.38 -3.09 23.79
C PRO A 91 -16.86 -4.27 24.59
N PRO A 92 -17.70 -4.85 25.45
CA PRO A 92 -17.24 -5.94 26.31
C PRO A 92 -17.02 -7.25 25.55
N ILE A 93 -16.06 -7.24 24.62
CA ILE A 93 -15.83 -8.40 23.77
C ILE A 93 -15.34 -9.59 24.61
N ASP A 94 -14.34 -9.35 25.47
CA ASP A 94 -13.79 -10.44 26.27
C ASP A 94 -14.82 -11.01 27.24
N ASN A 95 -15.72 -10.16 27.76
CA ASN A 95 -16.76 -10.65 28.65
C ASN A 95 -17.73 -11.56 27.90
N ILE A 96 -18.12 -11.17 26.70
CA ILE A 96 -19.04 -12.00 25.91
C ILE A 96 -18.39 -13.34 25.58
N ILE A 97 -17.10 -13.33 25.28
CA ILE A 97 -16.40 -14.57 24.93
C ILE A 97 -16.35 -15.50 26.13
N ARG A 98 -16.01 -14.97 27.30
CA ARG A 98 -15.88 -15.82 28.49
C ARG A 98 -17.22 -16.44 28.87
N ALA A 99 -18.34 -15.78 28.54
CA ALA A 99 -19.65 -16.32 28.85
C ALA A 99 -20.00 -17.54 27.99
N GLY A 100 -19.20 -17.85 26.99
CA GLY A 100 -19.42 -19.04 26.18
C GLY A 100 -20.47 -18.90 25.11
N LEU A 101 -20.68 -17.68 24.60
CA LEU A 101 -21.79 -17.43 23.69
C LEU A 101 -21.45 -17.62 22.23
N ILE A 102 -20.16 -17.63 21.88
CA ILE A 102 -19.76 -17.78 20.47
C ILE A 102 -20.33 -19.04 19.84
N PRO A 103 -20.25 -20.22 20.47
CA PRO A 103 -20.85 -21.41 19.85
C PRO A 103 -22.35 -21.29 19.65
N LYS A 104 -23.06 -20.60 20.54
CA LYS A 104 -24.49 -20.39 20.35
C LYS A 104 -24.74 -19.47 19.16
N PHE A 105 -23.96 -18.39 19.04
CA PHE A 105 -24.11 -17.50 17.89
C PHE A 105 -23.87 -18.24 16.58
N VAL A 106 -22.86 -19.12 16.55
CA VAL A 106 -22.52 -19.84 15.33
C VAL A 106 -23.68 -20.73 14.90
N SER A 107 -24.33 -21.40 15.84
CA SER A 107 -25.46 -22.25 15.51
C SER A 107 -26.63 -21.42 14.98
N PHE A 108 -26.81 -20.20 15.50
CA PHE A 108 -27.90 -19.35 15.04
C PHE A 108 -27.72 -18.94 13.58
N LEU A 109 -26.49 -18.96 13.07
CA LEU A 109 -26.26 -18.63 11.67
C LEU A 109 -26.99 -19.60 10.74
N GLY A 110 -27.28 -20.81 11.20
CA GLY A 110 -27.89 -21.83 10.38
C GLY A 110 -29.40 -21.96 10.48
N LYS A 111 -30.05 -21.13 11.28
CA LYS A 111 -31.51 -21.21 11.43
C LYS A 111 -32.17 -20.44 10.29
N THR A 112 -32.36 -21.14 9.17
CA THR A 112 -32.91 -20.51 7.97
C THR A 112 -34.35 -20.07 8.13
N ASP A 113 -35.12 -20.69 9.04
CA ASP A 113 -36.51 -20.33 9.24
C ASP A 113 -36.69 -19.10 10.12
N CYS A 114 -35.59 -18.53 10.65
CA CYS A 114 -35.64 -17.34 11.48
C CYS A 114 -34.49 -16.42 11.06
N SER A 115 -34.66 -15.75 9.92
CA SER A 115 -33.61 -14.88 9.41
C SER A 115 -33.24 -13.73 10.34
N PRO A 116 -34.14 -13.17 11.17
CA PRO A 116 -33.70 -12.13 12.11
C PRO A 116 -32.59 -12.58 13.05
N ILE A 117 -32.58 -13.85 13.47
CA ILE A 117 -31.53 -14.30 14.36
C ILE A 117 -30.27 -14.70 13.61
N GLN A 118 -30.38 -14.99 12.30
CA GLN A 118 -29.18 -15.11 11.47
C GLN A 118 -28.45 -13.77 11.39
N PHE A 119 -29.21 -12.70 11.17
CA PHE A 119 -28.63 -11.38 10.99
C PHE A 119 -28.01 -10.86 12.29
N GLU A 120 -28.73 -10.99 13.41
CA GLU A 120 -28.24 -10.45 14.67
C GLU A 120 -26.98 -11.16 15.14
N SER A 121 -26.90 -12.48 14.90
CA SER A 121 -25.71 -13.23 15.31
C SER A 121 -24.53 -12.96 14.39
N ALA A 122 -24.78 -12.80 13.09
CA ALA A 122 -23.71 -12.45 12.17
C ALA A 122 -23.13 -11.08 12.50
N TRP A 123 -23.98 -10.13 12.89
CA TRP A 123 -23.49 -8.81 13.31
C TRP A 123 -22.66 -8.92 14.58
N ALA A 124 -23.15 -9.69 15.56
CA ALA A 124 -22.41 -9.87 16.81
C ALA A 124 -21.06 -10.53 16.56
N LEU A 125 -21.03 -11.58 15.73
CA LEU A 125 -19.77 -12.25 15.43
C LEU A 125 -18.85 -11.38 14.57
N THR A 126 -19.43 -10.54 13.71
CA THR A 126 -18.62 -9.62 12.91
C THR A 126 -17.80 -8.70 13.81
N ASN A 127 -18.41 -8.22 14.90
CA ASN A 127 -17.73 -7.26 15.76
C ASN A 127 -16.75 -7.92 16.71
N ILE A 128 -17.02 -9.16 17.13
CA ILE A 128 -16.01 -9.89 17.91
C ILE A 128 -14.77 -10.12 17.07
N ALA A 129 -14.96 -10.50 15.81
CA ALA A 129 -13.85 -10.79 14.91
C ALA A 129 -13.11 -9.53 14.47
N SER A 130 -13.58 -8.35 14.85
CA SER A 130 -12.91 -7.11 14.48
C SER A 130 -11.84 -6.68 15.49
N GLY A 131 -11.74 -7.37 16.63
CA GLY A 131 -10.83 -6.96 17.67
C GLY A 131 -9.43 -7.50 17.51
N THR A 132 -8.88 -8.06 18.60
CA THR A 132 -7.52 -8.57 18.58
C THR A 132 -7.45 -9.92 17.88
N SER A 133 -6.22 -10.36 17.60
CA SER A 133 -6.02 -11.66 16.97
C SER A 133 -6.56 -12.79 17.82
N GLU A 134 -6.50 -12.65 19.14
CA GLU A 134 -7.08 -13.67 20.02
C GLU A 134 -8.60 -13.71 19.89
N GLN A 135 -9.22 -12.56 19.66
CA GLN A 135 -10.68 -12.50 19.58
C GLN A 135 -11.17 -12.98 18.22
N THR A 136 -10.45 -12.66 17.15
CA THR A 136 -10.77 -13.24 15.85
C THR A 136 -10.62 -14.76 15.88
N LYS A 137 -9.60 -15.25 16.57
CA LYS A 137 -9.37 -16.69 16.65
C LYS A 137 -10.53 -17.40 17.34
N ALA A 138 -11.11 -16.79 18.37
CA ALA A 138 -12.25 -17.39 19.04
C ALA A 138 -13.42 -17.55 18.07
N VAL A 139 -13.62 -16.58 17.18
CA VAL A 139 -14.69 -16.68 16.18
C VAL A 139 -14.41 -17.85 15.25
N VAL A 140 -13.17 -17.97 14.78
CA VAL A 140 -12.81 -19.06 13.87
C VAL A 140 -12.91 -20.40 14.57
N ASP A 141 -12.40 -20.47 15.81
CA ASP A 141 -12.45 -21.72 16.56
C ASP A 141 -13.88 -22.20 16.79
N GLY A 142 -14.86 -21.31 16.79
CA GLY A 142 -16.24 -21.69 16.95
C GLY A 142 -16.90 -22.28 15.73
N GLY A 143 -16.19 -22.35 14.61
CA GLY A 143 -16.73 -22.89 13.39
C GLY A 143 -17.41 -21.88 12.49
N ALA A 144 -17.05 -20.60 12.61
CA ALA A 144 -17.83 -19.55 11.94
C ALA A 144 -17.58 -19.52 10.43
N ILE A 145 -16.39 -19.88 9.98
CA ILE A 145 -16.01 -19.68 8.58
C ILE A 145 -16.95 -20.40 7.63
N PRO A 146 -17.14 -21.73 7.73
CA PRO A 146 -18.06 -22.38 6.79
C PRO A 146 -19.49 -21.90 6.91
N ALA A 147 -19.90 -21.46 8.10
CA ALA A 147 -21.26 -20.94 8.29
C ALA A 147 -21.44 -19.62 7.54
N PHE A 148 -20.42 -18.75 7.56
CA PHE A 148 -20.54 -17.48 6.85
C PHE A 148 -20.53 -17.68 5.34
N ILE A 149 -19.80 -18.69 4.85
CA ILE A 149 -19.76 -18.94 3.41
C ILE A 149 -21.12 -19.44 2.93
N SER A 150 -21.81 -20.25 3.75
CA SER A 150 -23.15 -20.68 3.39
C SER A 150 -24.11 -19.49 3.33
N LEU A 151 -23.96 -18.54 4.25
CA LEU A 151 -24.84 -17.38 4.28
C LEU A 151 -24.65 -16.46 3.08
N LEU A 152 -23.54 -16.60 2.36
CA LEU A 152 -23.30 -15.73 1.20
C LEU A 152 -24.39 -15.86 0.15
N ALA A 153 -25.03 -17.04 0.07
CA ALA A 153 -26.08 -17.29 -0.90
C ALA A 153 -27.48 -17.06 -0.32
N SER A 154 -27.58 -16.32 0.78
CA SER A 154 -28.88 -16.06 1.37
C SER A 154 -29.70 -15.15 0.46
N PRO A 155 -31.01 -15.42 0.33
CA PRO A 155 -31.85 -14.52 -0.48
C PRO A 155 -32.06 -13.15 0.14
N HIS A 156 -31.70 -12.96 1.40
CA HIS A 156 -31.79 -11.66 2.05
C HIS A 156 -30.46 -10.94 1.89
N ALA A 157 -30.51 -9.76 1.26
CA ALA A 157 -29.27 -9.06 0.89
C ALA A 157 -28.54 -8.51 2.11
N HIS A 158 -29.26 -8.12 3.16
CA HIS A 158 -28.60 -7.59 4.34
C HIS A 158 -27.88 -8.68 5.13
N ILE A 159 -28.34 -9.93 5.01
CA ILE A 159 -27.66 -11.03 5.66
C ILE A 159 -26.42 -11.45 4.87
N SER A 160 -26.53 -11.50 3.54
CA SER A 160 -25.38 -11.82 2.71
C SER A 160 -24.28 -10.79 2.87
N GLU A 161 -24.66 -9.51 2.91
CA GLU A 161 -23.69 -8.44 3.12
C GLU A 161 -22.98 -8.59 4.47
N GLN A 162 -23.71 -9.01 5.49
CA GLN A 162 -23.10 -9.19 6.81
C GLN A 162 -22.11 -10.35 6.81
N ALA A 163 -22.36 -11.38 6.01
CA ALA A 163 -21.41 -12.48 5.89
C ALA A 163 -20.14 -12.03 5.16
N VAL A 164 -20.29 -11.18 4.15
CA VAL A 164 -19.13 -10.61 3.47
C VAL A 164 -18.28 -9.83 4.45
N TRP A 165 -18.92 -9.02 5.28
CA TRP A 165 -18.19 -8.19 6.25
C TRP A 165 -17.44 -9.06 7.25
N ALA A 166 -18.09 -10.10 7.77
CA ALA A 166 -17.45 -10.96 8.75
C ALA A 166 -16.25 -11.70 8.15
N LEU A 167 -16.40 -12.21 6.92
CA LEU A 167 -15.29 -12.88 6.27
C LEU A 167 -14.15 -11.92 5.97
N GLY A 168 -14.46 -10.64 5.75
CA GLY A 168 -13.41 -9.65 5.58
C GLY A 168 -12.57 -9.46 6.83
N ASN A 169 -13.24 -9.44 8.00
CA ASN A 169 -12.52 -9.27 9.25
C ASN A 169 -11.67 -10.50 9.57
N ILE A 170 -12.17 -11.69 9.24
CA ILE A 170 -11.40 -12.90 9.50
C ILE A 170 -10.15 -12.95 8.62
N ALA A 171 -10.32 -12.71 7.33
CA ALA A 171 -9.19 -12.75 6.40
C ALA A 171 -8.19 -11.63 6.64
N GLY A 172 -8.62 -10.52 7.25
CA GLY A 172 -7.72 -9.42 7.51
C GLY A 172 -6.77 -9.64 8.66
N ASP A 173 -6.90 -10.75 9.40
CA ASP A 173 -6.02 -11.01 10.52
C ASP A 173 -4.60 -11.27 10.06
N GLY A 174 -4.43 -12.03 8.99
CA GLY A 174 -3.10 -12.34 8.49
C GLY A 174 -3.17 -13.43 7.44
N SER A 175 -1.97 -13.88 7.05
CA SER A 175 -1.85 -14.83 5.95
C SER A 175 -2.58 -16.12 6.24
N ALA A 176 -2.48 -16.63 7.48
CA ALA A 176 -3.02 -17.94 7.80
C ALA A 176 -4.54 -17.98 7.62
N PHE A 177 -5.24 -17.06 8.31
CA PHE A 177 -6.70 -17.02 8.20
C PHE A 177 -7.14 -16.65 6.79
N ARG A 178 -6.37 -15.80 6.12
CA ARG A 178 -6.68 -15.47 4.73
C ARG A 178 -6.71 -16.73 3.86
N ASP A 179 -5.67 -17.55 3.97
CA ASP A 179 -5.63 -18.78 3.18
C ASP A 179 -6.68 -19.79 3.66
N LEU A 180 -7.02 -19.75 4.95
CA LEU A 180 -8.02 -20.68 5.46
C LEU A 180 -9.41 -20.32 4.96
N VAL A 181 -9.71 -19.04 4.82
CA VAL A 181 -10.96 -18.62 4.20
C VAL A 181 -11.00 -19.08 2.74
N ILE A 182 -9.86 -19.00 2.05
CA ILE A 182 -9.80 -19.42 0.66
C ILE A 182 -9.98 -20.92 0.53
N LYS A 183 -9.35 -21.70 1.42
CA LYS A 183 -9.49 -23.16 1.36
C LYS A 183 -10.92 -23.59 1.64
N HIS A 184 -11.64 -22.89 2.51
CA HIS A 184 -13.04 -23.19 2.75
C HIS A 184 -13.94 -22.84 1.57
N GLY A 185 -13.39 -22.22 0.52
CA GLY A 185 -14.11 -22.03 -0.72
C GLY A 185 -14.96 -20.78 -0.80
N ALA A 186 -14.40 -19.64 -0.37
CA ALA A 186 -15.17 -18.41 -0.31
C ALA A 186 -15.16 -17.63 -1.62
N ILE A 187 -14.18 -17.86 -2.49
CA ILE A 187 -13.99 -16.98 -3.64
C ILE A 187 -15.12 -17.15 -4.65
N ASP A 188 -15.46 -18.40 -4.98
CA ASP A 188 -16.50 -18.67 -5.98
C ASP A 188 -17.82 -17.95 -5.64
N PRO A 189 -18.37 -18.13 -4.43
CA PRO A 189 -19.62 -17.42 -4.13
C PRO A 189 -19.45 -15.91 -4.03
N LEU A 190 -18.27 -15.42 -3.65
CA LEU A 190 -18.03 -13.98 -3.61
C LEU A 190 -18.09 -13.38 -5.01
N LEU A 191 -17.36 -13.98 -5.95
CA LEU A 191 -17.36 -13.47 -7.32
C LEU A 191 -18.74 -13.62 -7.98
N ALA A 192 -19.53 -14.60 -7.55
CA ALA A 192 -20.86 -14.77 -8.12
C ALA A 192 -21.77 -13.61 -7.76
N LEU A 193 -21.55 -12.99 -6.60
CA LEU A 193 -22.34 -11.83 -6.21
C LEU A 193 -22.08 -10.62 -7.08
N LEU A 194 -20.98 -10.61 -7.83
CA LEU A 194 -20.59 -9.49 -8.68
C LEU A 194 -20.73 -9.79 -10.16
N ALA A 195 -21.33 -10.90 -10.53
CA ALA A 195 -21.45 -11.28 -11.94
C ALA A 195 -22.74 -10.70 -12.52
N VAL A 196 -22.73 -9.38 -12.66
CA VAL A 196 -23.85 -8.64 -13.23
C VAL A 196 -23.34 -7.87 -14.44
N PRO A 197 -24.23 -7.54 -15.38
CA PRO A 197 -23.78 -6.75 -16.54
C PRO A 197 -23.25 -5.38 -16.17
N ASP A 198 -23.89 -4.70 -15.23
CA ASP A 198 -23.47 -3.37 -14.79
C ASP A 198 -23.43 -3.35 -13.27
N LEU A 199 -22.25 -3.03 -12.73
CA LEU A 199 -22.09 -2.97 -11.28
C LEU A 199 -22.96 -1.90 -10.65
N SER A 200 -23.42 -0.90 -11.42
CA SER A 200 -24.22 0.18 -10.87
C SER A 200 -25.58 -0.28 -10.36
N THR A 201 -26.05 -1.45 -10.78
CA THR A 201 -27.33 -1.96 -10.30
C THR A 201 -27.24 -2.53 -8.88
N LEU A 202 -26.05 -2.66 -8.32
CA LEU A 202 -25.88 -3.14 -6.97
C LEU A 202 -25.92 -1.98 -5.98
N ALA A 203 -26.30 -2.28 -4.75
CA ALA A 203 -26.35 -1.25 -3.71
C ALA A 203 -24.94 -0.76 -3.38
N CYS A 204 -24.84 0.54 -3.13
CA CYS A 204 -23.53 1.17 -2.93
C CYS A 204 -22.75 0.51 -1.79
N GLY A 205 -23.40 0.35 -0.63
CA GLY A 205 -22.71 -0.23 0.51
C GLY A 205 -22.43 -1.72 0.33
N TYR A 206 -23.33 -2.44 -0.35
CA TYR A 206 -23.07 -3.84 -0.67
C TYR A 206 -21.81 -3.98 -1.52
N LEU A 207 -21.62 -3.07 -2.48
CA LEU A 207 -20.49 -3.12 -3.39
C LEU A 207 -19.19 -2.71 -2.69
N ARG A 208 -19.28 -1.76 -1.74
CA ARG A 208 -18.09 -1.32 -1.03
C ARG A 208 -17.54 -2.42 -0.11
N ASN A 209 -18.44 -3.17 0.54
CA ASN A 209 -17.99 -4.27 1.39
C ASN A 209 -17.36 -5.38 0.58
N LEU A 210 -17.93 -5.68 -0.60
CA LEU A 210 -17.37 -6.73 -1.45
C LEU A 210 -15.97 -6.37 -1.93
N THR A 211 -15.76 -5.10 -2.33
CA THR A 211 -14.44 -4.69 -2.75
C THR A 211 -13.45 -4.73 -1.59
N TRP A 212 -13.88 -4.31 -0.40
CA TRP A 212 -12.98 -4.31 0.75
C TRP A 212 -12.57 -5.72 1.14
N THR A 213 -13.54 -6.63 1.22
CA THR A 213 -13.24 -8.02 1.56
C THR A 213 -12.28 -8.62 0.55
N LEU A 214 -12.54 -8.41 -0.74
CA LEU A 214 -11.66 -8.92 -1.78
C LEU A 214 -10.24 -8.41 -1.61
N SER A 215 -10.09 -7.13 -1.26
CA SER A 215 -8.76 -6.56 -1.09
C SER A 215 -8.01 -7.24 0.05
N ASN A 216 -8.74 -7.62 1.10
CA ASN A 216 -8.12 -8.36 2.20
C ASN A 216 -7.71 -9.76 1.79
N LEU A 217 -8.29 -10.30 0.71
CA LEU A 217 -7.84 -11.58 0.18
C LEU A 217 -6.58 -11.44 -0.68
N CYS A 218 -6.25 -10.23 -1.12
CA CYS A 218 -5.02 -9.96 -1.83
C CYS A 218 -3.90 -9.48 -0.92
N ARG A 219 -4.18 -9.30 0.36
CA ARG A 219 -3.28 -8.61 1.29
C ARG A 219 -2.34 -9.57 1.99
N ASN A 220 -1.27 -9.01 2.57
CA ASN A 220 -0.30 -9.68 3.44
C ASN A 220 0.68 -10.53 2.65
N LYS A 221 1.89 -10.66 3.19
CA LYS A 221 2.97 -11.42 2.59
C LYS A 221 3.45 -12.48 3.58
N ASN A 222 4.44 -13.27 3.14
CA ASN A 222 5.01 -14.36 3.92
C ASN A 222 3.94 -15.34 4.39
N PRO A 223 3.27 -16.06 3.47
CA PRO A 223 3.41 -16.00 2.02
C PRO A 223 2.41 -15.04 1.37
N ALA A 224 2.59 -14.80 0.07
CA ALA A 224 1.59 -14.10 -0.71
C ALA A 224 0.41 -15.04 -0.96
N PRO A 225 -0.74 -14.51 -1.36
CA PRO A 225 -1.90 -15.37 -1.64
C PRO A 225 -1.59 -16.35 -2.75
N PRO A 226 -2.31 -17.47 -2.82
CA PRO A 226 -2.04 -18.46 -3.87
C PRO A 226 -2.20 -17.85 -5.25
N LEU A 227 -1.33 -18.29 -6.17
CA LEU A 227 -1.37 -17.78 -7.54
C LEU A 227 -2.74 -18.04 -8.18
N ASP A 228 -3.28 -19.25 -7.99
CA ASP A 228 -4.56 -19.58 -8.58
C ASP A 228 -5.67 -18.68 -8.06
N ALA A 229 -5.62 -18.32 -6.77
CA ALA A 229 -6.61 -17.41 -6.21
C ALA A 229 -6.48 -16.02 -6.81
N VAL A 230 -5.25 -15.55 -7.03
CA VAL A 230 -5.05 -14.24 -7.63
C VAL A 230 -5.57 -14.22 -9.06
N GLU A 231 -5.21 -15.23 -9.84
CA GLU A 231 -5.67 -15.32 -11.23
C GLU A 231 -7.19 -15.38 -11.31
N GLN A 232 -7.83 -16.00 -10.32
CA GLN A 232 -9.28 -16.12 -10.30
C GLN A 232 -9.97 -14.82 -9.92
N ILE A 233 -9.29 -13.96 -9.18
CA ILE A 233 -9.89 -12.72 -8.68
C ILE A 233 -9.70 -11.55 -9.64
N LEU A 234 -8.56 -11.52 -10.32
CA LEU A 234 -8.14 -10.34 -11.07
C LEU A 234 -9.18 -9.81 -12.06
N PRO A 235 -9.84 -10.63 -12.89
CA PRO A 235 -10.82 -10.06 -13.83
C PRO A 235 -11.91 -9.25 -13.16
N THR A 236 -12.47 -9.74 -12.04
CA THR A 236 -13.42 -8.95 -11.28
C THR A 236 -12.75 -7.73 -10.66
N LEU A 237 -11.52 -7.88 -10.18
CA LEU A 237 -10.82 -6.77 -9.56
C LEU A 237 -10.57 -5.63 -10.55
N VAL A 238 -10.30 -5.98 -11.82
CA VAL A 238 -10.07 -4.96 -12.83
C VAL A 238 -11.35 -4.21 -13.15
N ARG A 239 -12.47 -4.93 -13.21
CA ARG A 239 -13.77 -4.27 -13.41
C ARG A 239 -14.05 -3.26 -12.30
N LEU A 240 -13.79 -3.64 -11.04
CA LEU A 240 -13.99 -2.72 -9.94
C LEU A 240 -13.09 -1.50 -10.05
N LEU A 241 -11.91 -1.66 -10.66
CA LEU A 241 -10.96 -0.56 -10.82
C LEU A 241 -11.45 0.50 -11.80
N HIS A 242 -12.47 0.20 -12.61
CA HIS A 242 -13.06 1.18 -13.51
C HIS A 242 -14.40 1.70 -13.01
N HIS A 243 -14.88 1.23 -11.87
CA HIS A 243 -16.13 1.74 -11.30
C HIS A 243 -15.95 3.20 -10.89
N ASN A 244 -17.08 3.88 -10.67
CA ASN A 244 -17.07 5.32 -10.44
C ASN A 244 -17.07 5.70 -8.96
N ASP A 245 -17.26 4.75 -8.04
CA ASP A 245 -17.37 5.14 -6.62
C ASP A 245 -15.98 5.39 -6.04
N PRO A 246 -15.82 6.45 -5.25
CA PRO A 246 -14.49 6.77 -4.71
C PRO A 246 -13.94 5.70 -3.76
N GLU A 247 -14.78 5.14 -2.89
CA GLU A 247 -14.30 4.13 -1.95
C GLU A 247 -14.04 2.80 -2.65
N VAL A 248 -14.83 2.47 -3.67
CA VAL A 248 -14.58 1.27 -4.45
C VAL A 248 -13.24 1.40 -5.18
N LEU A 249 -12.97 2.58 -5.72
CA LEU A 249 -11.72 2.81 -6.43
C LEU A 249 -10.51 2.74 -5.48
N ALA A 250 -10.65 3.32 -4.29
CA ALA A 250 -9.52 3.35 -3.35
C ALA A 250 -9.16 1.93 -2.91
N ASP A 251 -10.16 1.13 -2.53
CA ASP A 251 -9.90 -0.24 -2.08
C ASP A 251 -9.49 -1.15 -3.23
N SER A 252 -9.87 -0.84 -4.47
CA SER A 252 -9.39 -1.62 -5.59
C SER A 252 -7.92 -1.35 -5.87
N CYS A 253 -7.51 -0.08 -5.77
CA CYS A 253 -6.10 0.26 -5.93
C CYS A 253 -5.26 -0.38 -4.84
N TRP A 254 -5.76 -0.42 -3.60
CA TRP A 254 -5.06 -1.09 -2.52
C TRP A 254 -4.86 -2.56 -2.83
N ALA A 255 -5.87 -3.21 -3.44
CA ALA A 255 -5.73 -4.60 -3.83
C ALA A 255 -4.62 -4.77 -4.88
N ILE A 256 -4.69 -3.97 -5.95
CA ILE A 256 -3.63 -3.99 -6.95
C ILE A 256 -2.30 -3.61 -6.30
N SER A 257 -2.33 -2.72 -5.31
CA SER A 257 -1.10 -2.36 -4.59
C SER A 257 -0.47 -3.57 -3.93
N TYR A 258 -1.29 -4.41 -3.30
CA TYR A 258 -0.77 -5.59 -2.61
C TYR A 258 -0.21 -6.60 -3.60
N LEU A 259 -0.94 -6.85 -4.69
CA LEU A 259 -0.53 -7.87 -5.65
C LEU A 259 0.77 -7.52 -6.37
N THR A 260 1.13 -6.25 -6.44
CA THR A 260 2.35 -5.81 -7.10
C THR A 260 3.53 -5.69 -6.14
N ASP A 261 3.34 -6.00 -4.85
CA ASP A 261 4.41 -5.91 -3.86
C ASP A 261 5.05 -7.29 -3.71
N GLY A 262 5.94 -7.62 -4.64
CA GLY A 262 6.61 -8.89 -4.63
C GLY A 262 7.55 -9.09 -5.81
N PRO A 263 7.77 -10.35 -6.18
CA PRO A 263 8.70 -10.64 -7.28
C PRO A 263 8.10 -10.26 -8.63
N ASN A 264 8.97 -10.20 -9.64
CA ASN A 264 8.55 -9.74 -10.96
C ASN A 264 7.48 -10.65 -11.57
N GLU A 265 7.43 -11.91 -11.15
CA GLU A 265 6.39 -12.80 -11.65
C GLU A 265 5.00 -12.32 -11.22
N ARG A 266 4.90 -11.77 -10.01
CA ARG A 266 3.62 -11.21 -9.57
C ARG A 266 3.31 -9.91 -10.31
N ILE A 267 4.32 -9.05 -10.50
CA ILE A 267 4.11 -7.80 -11.22
C ILE A 267 3.62 -8.07 -12.63
N GLU A 268 4.21 -9.06 -13.30
CA GLU A 268 3.83 -9.35 -14.68
C GLU A 268 2.40 -9.86 -14.78
N MET A 269 1.97 -10.63 -13.77
CA MET A 269 0.59 -11.11 -13.77
C MET A 269 -0.40 -9.95 -13.78
N VAL A 270 -0.06 -8.87 -13.09
CA VAL A 270 -0.93 -7.70 -13.05
C VAL A 270 -0.82 -6.89 -14.33
N VAL A 271 0.42 -6.60 -14.75
CA VAL A 271 0.64 -5.80 -15.95
C VAL A 271 0.01 -6.45 -17.18
N LYS A 272 -0.03 -7.79 -17.22
CA LYS A 272 -0.59 -8.48 -18.37
C LYS A 272 -2.06 -8.15 -18.58
N LYS A 273 -2.78 -7.82 -17.51
CA LYS A 273 -4.19 -7.47 -17.61
C LYS A 273 -4.42 -6.03 -18.09
N GLY A 274 -3.35 -5.28 -18.35
CA GLY A 274 -3.48 -3.94 -18.91
C GLY A 274 -4.12 -2.92 -17.99
N VAL A 275 -3.78 -2.94 -16.70
CA VAL A 275 -4.34 -1.98 -15.75
C VAL A 275 -3.48 -0.74 -15.57
N VAL A 276 -2.32 -0.68 -16.23
CA VAL A 276 -1.36 0.40 -16.02
C VAL A 276 -1.93 1.75 -16.49
N PRO A 277 -2.55 1.84 -17.68
CA PRO A 277 -3.18 3.12 -18.05
C PRO A 277 -4.20 3.61 -17.04
N GLN A 278 -5.09 2.72 -16.58
CA GLN A 278 -6.10 3.12 -15.60
C GLN A 278 -5.46 3.54 -14.28
N LEU A 279 -4.34 2.91 -13.91
CA LEU A 279 -3.63 3.33 -12.71
C LEU A 279 -3.09 4.75 -12.87
N VAL A 280 -2.65 5.10 -14.08
CA VAL A 280 -2.11 6.44 -14.32
C VAL A 280 -3.23 7.47 -14.28
N LYS A 281 -4.42 7.11 -14.78
CA LYS A 281 -5.57 8.00 -14.67
C LYS A 281 -5.93 8.28 -13.23
N LEU A 282 -6.00 7.23 -12.41
CA LEU A 282 -6.27 7.41 -10.98
C LEU A 282 -5.12 8.10 -10.27
N LEU A 283 -3.90 7.98 -10.79
CA LEU A 283 -2.76 8.67 -10.20
C LEU A 283 -2.95 10.19 -10.21
N GLY A 284 -3.79 10.70 -11.10
CA GLY A 284 -4.02 12.12 -11.19
C GLY A 284 -5.36 12.51 -10.60
N ALA A 285 -5.93 11.65 -9.77
CA ALA A 285 -7.23 11.91 -9.19
C ALA A 285 -7.14 13.06 -8.19
N THR A 286 -8.31 13.61 -7.86
CA THR A 286 -8.37 14.67 -6.86
C THR A 286 -8.39 14.11 -5.45
N GLU A 287 -9.04 12.98 -5.25
CA GLU A 287 -9.22 12.42 -3.91
C GLU A 287 -7.91 11.81 -3.42
N LEU A 288 -7.47 12.26 -2.24
CA LEU A 288 -6.26 11.70 -1.64
C LEU A 288 -6.35 10.20 -1.36
N PRO A 289 -7.45 9.65 -0.86
CA PRO A 289 -7.50 8.20 -0.62
C PRO A 289 -7.39 7.35 -1.88
N ILE A 290 -7.46 7.95 -3.06
CA ILE A 290 -7.26 7.21 -4.31
C ILE A 290 -5.84 7.38 -4.83
N VAL A 291 -5.29 8.59 -4.73
CA VAL A 291 -3.93 8.85 -5.21
C VAL A 291 -2.91 8.04 -4.41
N THR A 292 -3.16 7.83 -3.11
CA THR A 292 -2.17 7.15 -2.28
C THR A 292 -1.96 5.70 -2.70
N PRO A 293 -2.99 4.87 -2.83
CA PRO A 293 -2.74 3.50 -3.30
C PRO A 293 -2.36 3.43 -4.77
N ALA A 294 -2.80 4.39 -5.58
CA ALA A 294 -2.42 4.39 -7.00
C ALA A 294 -0.92 4.58 -7.16
N LEU A 295 -0.33 5.50 -6.39
CA LEU A 295 1.11 5.73 -6.47
C LEU A 295 1.88 4.52 -5.94
N ARG A 296 1.39 3.89 -4.88
CA ARG A 296 2.04 2.71 -4.33
C ARG A 296 2.14 1.61 -5.37
N ALA A 297 1.08 1.42 -6.16
CA ALA A 297 1.12 0.37 -7.18
C ALA A 297 2.07 0.73 -8.32
N ILE A 298 2.09 2.00 -8.73
CA ILE A 298 3.02 2.43 -9.76
C ILE A 298 4.46 2.24 -9.28
N GLY A 299 4.75 2.66 -8.05
CA GLY A 299 6.08 2.49 -7.50
C GLY A 299 6.47 1.03 -7.37
N ASN A 300 5.51 0.16 -7.08
CA ASN A 300 5.80 -1.27 -7.02
C ASN A 300 6.16 -1.81 -8.39
N ILE A 301 5.45 -1.36 -9.44
CA ILE A 301 5.67 -1.90 -10.77
C ILE A 301 7.05 -1.53 -11.30
N VAL A 302 7.58 -0.35 -10.92
CA VAL A 302 8.89 0.07 -11.43
C VAL A 302 10.04 -0.54 -10.65
N THR A 303 9.77 -1.45 -9.70
CA THR A 303 10.84 -2.22 -9.12
C THR A 303 11.20 -3.44 -9.95
N GLY A 304 10.42 -3.74 -10.99
CA GLY A 304 10.64 -4.92 -11.80
C GLY A 304 11.58 -4.70 -12.96
N THR A 305 11.29 -5.35 -14.09
CA THR A 305 12.17 -5.29 -15.24
C THR A 305 12.06 -3.94 -15.95
N ASP A 306 13.06 -3.67 -16.80
CA ASP A 306 13.06 -2.43 -17.58
C ASP A 306 11.86 -2.37 -18.52
N GLU A 307 11.40 -3.52 -19.02
CA GLU A 307 10.24 -3.55 -19.89
C GLU A 307 8.98 -3.17 -19.12
N GLN A 308 8.83 -3.69 -17.90
CA GLN A 308 7.68 -3.32 -17.08
C GLN A 308 7.71 -1.84 -16.71
N THR A 309 8.89 -1.31 -16.41
CA THR A 309 9.03 0.12 -16.16
C THR A 309 8.63 0.93 -17.40
N GLN A 310 8.99 0.44 -18.59
CA GLN A 310 8.70 1.17 -19.82
C GLN A 310 7.20 1.26 -20.09
N LYS A 311 6.42 0.28 -19.63
CA LYS A 311 4.97 0.37 -19.79
C LYS A 311 4.39 1.51 -18.95
N VAL A 312 4.97 1.75 -17.78
CA VAL A 312 4.56 2.89 -16.96
C VAL A 312 4.87 4.20 -17.68
N ILE A 313 6.04 4.26 -18.31
CA ILE A 313 6.42 5.47 -19.04
C ILE A 313 5.53 5.67 -20.26
N ASP A 314 5.21 4.58 -20.97
CA ASP A 314 4.40 4.71 -22.18
C ASP A 314 2.98 5.16 -21.88
N ALA A 315 2.46 4.86 -20.69
CA ALA A 315 1.12 5.27 -20.32
C ALA A 315 1.04 6.75 -19.94
N GLY A 316 2.15 7.47 -19.96
CA GLY A 316 2.13 8.89 -19.63
C GLY A 316 2.30 9.21 -18.16
N ALA A 317 2.90 8.32 -17.37
CA ALA A 317 2.96 8.51 -15.93
C ALA A 317 3.86 9.68 -15.55
N LEU A 318 4.94 9.90 -16.29
CA LEU A 318 5.90 10.96 -15.94
C LEU A 318 5.28 12.35 -16.02
N ALA A 319 4.20 12.52 -16.79
CA ALA A 319 3.56 13.82 -16.88
C ALA A 319 2.90 14.23 -15.56
N VAL A 320 2.59 13.27 -14.68
CA VAL A 320 1.92 13.56 -13.42
C VAL A 320 2.89 13.94 -12.31
N PHE A 321 4.20 13.75 -12.52
CA PHE A 321 5.17 13.87 -11.44
C PHE A 321 5.57 15.30 -11.09
N PRO A 322 5.37 16.31 -11.95
CA PRO A 322 5.47 17.69 -11.45
C PRO A 322 4.59 17.96 -10.25
N SER A 323 3.37 17.43 -10.23
CA SER A 323 2.50 17.60 -9.07
C SER A 323 2.93 16.70 -7.91
N LEU A 324 3.23 15.43 -8.22
CA LEU A 324 3.53 14.47 -7.15
C LEU A 324 4.78 14.84 -6.38
N LEU A 325 5.76 15.45 -7.04
CA LEU A 325 7.00 15.87 -6.37
C LEU A 325 6.85 17.18 -5.62
N THR A 326 5.70 17.87 -5.78
CA THR A 326 5.41 19.08 -5.02
C THR A 326 4.12 18.95 -4.22
N ASN A 327 3.66 17.72 -3.99
CA ASN A 327 2.41 17.51 -3.26
C ASN A 327 2.56 17.97 -1.82
N PRO A 328 1.55 18.64 -1.26
CA PRO A 328 1.66 19.13 0.12
C PRO A 328 1.70 18.04 1.17
N LYS A 329 1.34 16.80 0.82
CA LYS A 329 1.41 15.69 1.75
C LYS A 329 2.82 15.10 1.73
N THR A 330 3.44 15.02 2.90
CA THR A 330 4.81 14.51 2.99
C THR A 330 4.92 13.11 2.39
N ASN A 331 3.93 12.26 2.64
CA ASN A 331 4.03 10.86 2.23
C ASN A 331 3.93 10.72 0.71
N ILE A 332 3.09 11.54 0.07
CA ILE A 332 3.00 11.50 -1.39
C ILE A 332 4.31 11.95 -2.01
N GLN A 333 4.94 12.98 -1.44
CA GLN A 333 6.20 13.49 -2.00
C GLN A 333 7.31 12.45 -1.88
N LYS A 334 7.38 11.75 -0.76
CA LYS A 334 8.45 10.77 -0.55
C LYS A 334 8.29 9.58 -1.49
N GLU A 335 7.08 9.01 -1.56
CA GLU A 335 6.84 7.86 -2.43
C GLU A 335 7.08 8.21 -3.90
N ALA A 336 6.74 9.44 -4.29
CA ALA A 336 7.00 9.87 -5.67
C ALA A 336 8.49 9.98 -5.94
N THR A 337 9.25 10.47 -4.96
CA THR A 337 10.70 10.55 -5.12
C THR A 337 11.32 9.16 -5.17
N TRP A 338 10.86 8.26 -4.30
CA TRP A 338 11.32 6.87 -4.33
C TRP A 338 11.06 6.25 -5.70
N THR A 339 9.89 6.51 -6.27
CA THR A 339 9.57 5.99 -7.59
C THR A 339 10.51 6.57 -8.64
N MET A 340 10.83 7.86 -8.53
CA MET A 340 11.77 8.48 -9.47
C MET A 340 13.15 7.85 -9.37
N SER A 341 13.58 7.48 -8.16
CA SER A 341 14.90 6.89 -8.00
C SER A 341 14.99 5.53 -8.67
N ASN A 342 13.89 4.79 -8.72
CA ASN A 342 13.87 3.51 -9.42
C ASN A 342 13.74 3.68 -10.93
N ILE A 343 13.32 4.86 -11.40
CA ILE A 343 13.23 5.10 -12.83
C ILE A 343 14.58 5.54 -13.39
N THR A 344 15.34 6.33 -12.62
CA THR A 344 16.68 6.72 -13.03
C THR A 344 17.68 5.58 -12.92
N ALA A 345 17.28 4.42 -12.41
CA ALA A 345 18.13 3.24 -12.38
C ALA A 345 17.92 2.34 -13.59
N GLY A 346 17.13 2.79 -14.56
CA GLY A 346 16.86 2.03 -15.77
C GLY A 346 17.83 2.34 -16.88
N ARG A 347 17.33 2.26 -18.11
CA ARG A 347 18.17 2.45 -19.29
C ARG A 347 18.46 3.95 -19.51
N GLN A 348 19.34 4.21 -20.47
CA GLN A 348 19.68 5.60 -20.81
C GLN A 348 18.54 6.28 -21.54
N ASP A 349 17.84 5.55 -22.42
CA ASP A 349 16.68 6.13 -23.09
C ASP A 349 15.54 6.39 -22.12
N GLN A 350 15.55 5.75 -20.95
CA GLN A 350 14.56 6.05 -19.92
C GLN A 350 14.97 7.26 -19.10
N ILE A 351 16.25 7.35 -18.74
CA ILE A 351 16.77 8.58 -18.13
C ILE A 351 16.49 9.77 -19.04
N GLN A 352 16.65 9.58 -20.34
CA GLN A 352 16.37 10.65 -21.29
C GLN A 352 14.90 11.08 -21.22
N GLN A 353 13.98 10.11 -21.05
CA GLN A 353 12.55 10.43 -20.94
C GLN A 353 12.25 11.17 -19.65
N VAL A 354 13.04 10.93 -18.62
CA VAL A 354 12.94 11.74 -17.40
C VAL A 354 13.37 13.16 -17.71
N VAL A 355 14.44 13.31 -18.50
CA VAL A 355 14.92 14.63 -18.86
C VAL A 355 13.89 15.38 -19.68
N ASN A 356 13.30 14.70 -20.67
CA ASN A 356 12.38 15.37 -21.59
C ASN A 356 11.17 15.93 -20.87
N HIS A 357 10.66 15.21 -19.87
CA HIS A 357 9.49 15.67 -19.14
C HIS A 357 9.80 16.81 -18.17
N GLY A 358 11.08 17.18 -18.04
CA GLY A 358 11.44 18.30 -17.18
C GLY A 358 11.49 17.99 -15.71
N LEU A 359 11.75 16.73 -15.33
CA LEU A 359 11.70 16.33 -13.93
C LEU A 359 13.01 16.55 -13.19
N VAL A 360 14.11 16.79 -13.90
CA VAL A 360 15.39 17.06 -13.24
C VAL A 360 15.31 18.31 -12.37
N PRO A 361 14.74 19.44 -12.83
CA PRO A 361 14.58 20.59 -11.93
C PRO A 361 13.76 20.27 -10.70
N PHE A 362 12.74 19.41 -10.84
CA PHE A 362 11.93 19.03 -9.69
C PHE A 362 12.72 18.20 -8.69
N LEU A 363 13.66 17.39 -9.17
CA LEU A 363 14.54 16.67 -8.25
C LEU A 363 15.51 17.63 -7.57
N VAL A 364 15.99 18.65 -8.29
CA VAL A 364 16.80 19.69 -7.68
C VAL A 364 16.01 20.38 -6.57
N GLY A 365 14.73 20.66 -6.83
CA GLY A 365 13.92 21.33 -5.83
C GLY A 365 13.70 20.50 -4.58
N VAL A 366 13.36 19.21 -4.77
CA VAL A 366 13.17 18.33 -3.63
C VAL A 366 14.46 18.17 -2.84
N LEU A 367 15.59 18.06 -3.55
CA LEU A 367 16.88 18.02 -2.87
C LEU A 367 17.12 19.31 -2.09
N SER A 368 16.60 20.43 -2.60
CA SER A 368 16.84 21.71 -1.94
C SER A 368 16.03 21.84 -0.65
N LYS A 369 14.77 21.41 -0.66
CA LYS A 369 13.88 21.60 0.48
C LYS A 369 12.78 20.55 0.44
N ALA A 370 12.71 19.76 1.51
CA ALA A 370 11.69 18.73 1.72
C ALA A 370 11.99 18.07 3.05
N ASP A 371 11.07 17.20 3.49
CA ASP A 371 11.35 16.38 4.66
C ASP A 371 12.60 15.54 4.42
N PHE A 372 13.37 15.33 5.47
CA PHE A 372 14.69 14.70 5.32
C PHE A 372 14.60 13.33 4.69
N LYS A 373 13.51 12.59 4.94
CA LYS A 373 13.35 11.28 4.33
C LYS A 373 13.08 11.41 2.83
N THR A 374 12.35 12.45 2.42
CA THR A 374 12.19 12.71 1.00
C THR A 374 13.50 13.13 0.36
N GLN A 375 14.32 13.89 1.09
CA GLN A 375 15.61 14.32 0.56
C GLN A 375 16.53 13.14 0.29
N LYS A 376 16.54 12.15 1.19
CA LYS A 376 17.40 10.99 1.00
C LYS A 376 17.00 10.22 -0.25
N GLU A 377 15.69 10.05 -0.48
CA GLU A 377 15.23 9.40 -1.70
C GLU A 377 15.67 10.17 -2.93
N ALA A 378 15.74 11.50 -2.84
CA ALA A 378 16.21 12.29 -3.97
C ALA A 378 17.71 12.12 -4.18
N ALA A 379 18.47 11.98 -3.08
CA ALA A 379 19.90 11.69 -3.22
C ALA A 379 20.13 10.37 -3.93
N TRP A 380 19.30 9.36 -3.62
CA TRP A 380 19.39 8.09 -4.32
C TRP A 380 19.07 8.25 -5.81
N ALA A 381 18.06 9.06 -6.12
CA ALA A 381 17.69 9.27 -7.52
C ALA A 381 18.84 9.88 -8.32
N ILE A 382 19.62 10.76 -7.68
CA ILE A 382 20.72 11.41 -8.37
C ILE A 382 21.86 10.43 -8.61
N THR A 383 22.21 9.65 -7.58
CA THR A 383 23.31 8.70 -7.72
C THR A 383 23.00 7.63 -8.76
N ASN A 384 21.75 7.17 -8.80
CA ASN A 384 21.34 6.25 -9.87
C ASN A 384 21.40 6.94 -11.22
N TYR A 385 21.01 8.22 -11.27
CA TYR A 385 21.11 9.00 -12.50
C TYR A 385 22.56 9.08 -12.97
N THR A 386 23.47 9.44 -12.07
CA THR A 386 24.86 9.68 -12.48
C THR A 386 25.60 8.40 -12.83
N SER A 387 25.25 7.27 -12.20
CA SER A 387 25.98 6.04 -12.45
C SER A 387 25.60 5.38 -13.76
N GLY A 388 24.41 5.66 -14.29
CA GLY A 388 23.95 5.01 -15.50
C GLY A 388 23.71 5.94 -16.67
N GLY A 389 23.96 7.25 -16.49
CA GLY A 389 23.71 8.21 -17.54
C GLY A 389 24.89 8.42 -18.47
N THR A 390 24.62 9.08 -19.58
CA THR A 390 25.67 9.47 -20.52
C THR A 390 26.40 10.70 -19.99
N VAL A 391 27.38 11.17 -20.76
CA VAL A 391 28.10 12.38 -20.38
C VAL A 391 27.19 13.60 -20.53
N GLU A 392 26.47 13.68 -21.66
CA GLU A 392 25.58 14.82 -21.88
C GLU A 392 24.50 14.90 -20.82
N GLN A 393 24.05 13.75 -20.31
CA GLN A 393 23.01 13.75 -19.28
C GLN A 393 23.55 14.14 -17.92
N ILE A 394 24.83 13.88 -17.65
CA ILE A 394 25.41 14.21 -16.35
C ILE A 394 25.74 15.69 -16.27
N VAL A 395 26.18 16.30 -17.38
CA VAL A 395 26.48 17.73 -17.37
C VAL A 395 25.19 18.53 -17.31
N TYR A 396 24.14 18.08 -18.00
CA TYR A 396 22.85 18.74 -17.89
C TYR A 396 22.35 18.74 -16.46
N LEU A 397 22.65 17.68 -15.71
CA LEU A 397 22.32 17.64 -14.28
C LEU A 397 23.04 18.77 -13.54
N VAL A 398 24.26 19.11 -13.95
CA VAL A 398 24.99 20.20 -13.32
C VAL A 398 24.43 21.55 -13.74
N HIS A 399 24.04 21.68 -15.01
CA HIS A 399 23.50 22.96 -15.50
C HIS A 399 22.20 23.33 -14.78
N CYS A 400 21.46 22.33 -14.28
CA CYS A 400 20.21 22.60 -13.57
C CYS A 400 20.43 23.10 -12.14
N GLY A 401 21.64 23.01 -11.62
CA GLY A 401 21.94 23.47 -10.28
C GLY A 401 21.94 22.40 -9.21
N ILE A 402 22.37 21.16 -9.54
CA ILE A 402 22.33 20.08 -8.58
C ILE A 402 23.41 20.23 -7.51
N ILE A 403 24.50 20.94 -7.83
CA ILE A 403 25.71 20.86 -7.02
C ILE A 403 25.48 21.51 -5.65
N GLU A 404 24.90 22.72 -5.63
CA GLU A 404 24.76 23.44 -4.37
C GLU A 404 23.89 22.71 -3.36
N PRO A 405 22.65 22.30 -3.68
CA PRO A 405 21.87 21.57 -2.66
C PRO A 405 22.43 20.20 -2.34
N LEU A 406 23.16 19.58 -3.28
CA LEU A 406 23.80 18.31 -3.00
C LEU A 406 24.92 18.49 -1.97
N MET A 407 25.67 19.58 -2.07
CA MET A 407 26.72 19.85 -1.10
C MET A 407 26.15 20.21 0.26
N ASN A 408 25.07 21.01 0.28
CA ASN A 408 24.49 21.46 1.53
C ASN A 408 23.97 20.32 2.39
N LEU A 409 23.61 19.19 1.78
CA LEU A 409 23.13 18.03 2.53
C LEU A 409 24.27 17.19 3.11
N LEU A 410 25.52 17.51 2.81
CA LEU A 410 26.63 16.82 3.44
C LEU A 410 26.80 17.21 4.90
N SER A 411 26.04 18.18 5.39
CA SER A 411 26.01 18.54 6.80
C SER A 411 25.01 17.71 7.60
N ALA A 412 24.42 16.69 6.98
CA ALA A 412 23.41 15.88 7.64
C ALA A 412 24.03 14.91 8.63
N LYS A 413 23.29 14.62 9.69
CA LYS A 413 23.73 13.71 10.75
C LYS A 413 23.37 12.27 10.42
N ASP A 414 23.65 11.86 9.18
CA ASP A 414 23.36 10.52 8.69
C ASP A 414 24.53 10.07 7.82
N THR A 415 24.95 8.82 8.00
CA THR A 415 26.11 8.32 7.26
C THR A 415 25.75 7.82 5.88
N LYS A 416 24.58 7.21 5.72
CA LYS A 416 24.22 6.59 4.45
C LYS A 416 24.00 7.64 3.35
N ILE A 417 23.36 8.75 3.68
CA ILE A 417 23.16 9.79 2.68
C ILE A 417 24.49 10.42 2.30
N ILE A 418 25.46 10.45 3.22
CA ILE A 418 26.78 10.98 2.92
C ILE A 418 27.46 10.12 1.86
N GLN A 419 27.42 8.80 2.04
CA GLN A 419 28.03 7.89 1.08
C GLN A 419 27.37 8.00 -0.29
N VAL A 420 26.04 8.12 -0.31
CA VAL A 420 25.31 8.20 -1.58
C VAL A 420 25.67 9.47 -2.33
N ILE A 421 25.76 10.60 -1.61
CA ILE A 421 26.10 11.87 -2.24
C ILE A 421 27.53 11.82 -2.79
N LEU A 422 28.46 11.34 -1.97
CA LEU A 422 29.87 11.33 -2.38
C LEU A 422 30.08 10.46 -3.62
N ASP A 423 29.42 9.31 -3.68
CA ASP A 423 29.53 8.46 -4.86
C ASP A 423 28.96 9.15 -6.08
N ALA A 424 27.89 9.94 -5.90
CA ALA A 424 27.35 10.71 -7.01
C ALA A 424 28.36 11.76 -7.48
N ILE A 425 29.03 12.44 -6.55
CA ILE A 425 30.04 13.43 -6.91
C ILE A 425 31.16 12.76 -7.71
N SER A 426 31.57 11.56 -7.31
CA SER A 426 32.59 10.84 -8.04
C SER A 426 32.18 10.59 -9.49
N ASN A 427 30.95 10.12 -9.69
CA ASN A 427 30.47 9.87 -11.05
C ASN A 427 30.37 11.17 -11.84
N ILE A 428 30.06 12.28 -11.19
CA ILE A 428 30.00 13.57 -11.88
C ILE A 428 31.40 14.00 -12.30
N PHE A 429 32.37 13.86 -11.39
CA PHE A 429 33.75 14.23 -11.72
C PHE A 429 34.30 13.36 -12.84
N GLN A 430 33.95 12.06 -12.85
CA GLN A 430 34.41 11.17 -13.90
C GLN A 430 33.95 11.65 -15.27
N ALA A 431 32.75 12.21 -15.35
CA ALA A 431 32.26 12.76 -16.61
C ALA A 431 32.93 14.09 -16.95
N ALA A 432 33.37 14.83 -15.93
CA ALA A 432 34.12 16.06 -16.19
C ALA A 432 35.50 15.74 -16.74
N GLU A 433 36.12 14.65 -16.28
CA GLU A 433 37.38 14.21 -16.84
C GLU A 433 37.25 13.93 -18.34
N LYS A 434 36.24 13.14 -18.71
CA LYS A 434 36.05 12.78 -20.11
C LYS A 434 35.99 14.00 -21.02
N LEU A 435 35.51 15.13 -20.51
CA LEU A 435 35.48 16.37 -21.27
C LEU A 435 36.71 17.25 -21.03
N GLY A 436 37.45 17.01 -19.94
CA GLY A 436 38.60 17.82 -19.64
C GLY A 436 38.29 19.13 -18.96
N GLU A 437 37.24 19.17 -18.14
CA GLU A 437 36.80 20.39 -17.47
C GLU A 437 36.71 20.18 -15.96
N THR A 438 37.55 19.29 -15.42
CA THR A 438 37.54 19.05 -13.98
C THR A 438 37.85 20.30 -13.18
N GLU A 439 38.65 21.21 -13.75
CA GLU A 439 38.98 22.45 -13.06
C GLU A 439 37.71 23.25 -12.76
N LYS A 440 36.82 23.36 -13.75
CA LYS A 440 35.61 24.16 -13.57
C LYS A 440 34.74 23.60 -12.45
N LEU A 441 34.57 22.27 -12.43
CA LEU A 441 33.70 21.66 -11.42
C LEU A 441 34.30 21.78 -10.03
N SER A 442 35.61 21.60 -9.90
CA SER A 442 36.25 21.74 -8.60
C SER A 442 36.14 23.17 -8.08
N ILE A 443 36.27 24.16 -8.97
CA ILE A 443 36.05 25.54 -8.58
C ILE A 443 34.60 25.74 -8.15
N MET A 444 33.66 25.12 -8.85
CA MET A 444 32.25 25.26 -8.51
C MET A 444 31.96 24.71 -7.12
N ILE A 445 32.55 23.56 -6.78
CA ILE A 445 32.33 22.97 -5.47
C ILE A 445 32.95 23.82 -4.36
N GLU A 446 34.07 24.49 -4.66
CA GLU A 446 34.72 25.29 -3.64
C GLU A 446 33.96 26.59 -3.38
N GLU A 447 33.47 27.23 -4.45
CA GLU A 447 32.86 28.55 -4.30
C GLU A 447 31.60 28.52 -3.43
N CYS A 448 30.85 27.42 -3.48
CA CYS A 448 29.64 27.28 -2.67
C CYS A 448 29.91 26.75 -1.28
N GLY A 449 31.18 26.52 -0.93
CA GLY A 449 31.49 25.99 0.39
C GLY A 449 31.41 24.49 0.52
N GLY A 450 31.39 23.77 -0.62
CA GLY A 450 31.34 22.32 -0.55
C GLY A 450 32.66 21.68 -0.18
N LEU A 451 33.77 22.32 -0.52
CA LEU A 451 35.08 21.76 -0.18
C LEU A 451 35.27 21.72 1.33
N ASP A 452 34.89 22.80 2.03
CA ASP A 452 34.97 22.82 3.49
C ASP A 452 34.29 21.61 4.10
N LYS A 453 33.15 21.21 3.53
CA LYS A 453 32.44 20.04 4.03
C LYS A 453 33.19 18.75 3.70
N ILE A 454 33.57 18.58 2.43
CA ILE A 454 34.27 17.37 2.00
C ILE A 454 35.52 17.16 2.85
N GLU A 455 36.27 18.23 3.09
CA GLU A 455 37.50 18.10 3.87
C GLU A 455 37.19 17.93 5.37
N ALA A 456 36.05 18.45 5.83
CA ALA A 456 35.64 18.19 7.20
C ALA A 456 35.17 16.75 7.38
N LEU A 457 34.58 16.16 6.33
CA LEU A 457 34.15 14.77 6.37
C LEU A 457 35.34 13.80 6.45
N GLN A 458 36.57 14.29 6.29
CA GLN A 458 37.72 13.46 6.59
C GLN A 458 37.64 12.91 8.01
N ARG A 459 37.55 13.82 8.99
CA ARG A 459 37.51 13.46 10.40
C ARG A 459 36.12 12.94 10.76
N HIS A 460 35.80 11.76 10.20
CA HIS A 460 34.50 11.15 10.40
C HIS A 460 34.66 9.77 11.03
N GLU A 461 33.63 9.35 11.77
CA GLU A 461 33.67 8.05 12.43
C GLU A 461 33.78 6.92 11.42
N ASN A 462 32.91 6.91 10.41
CA ASN A 462 32.85 5.80 9.47
C ASN A 462 34.08 5.79 8.58
N GLU A 463 34.67 4.60 8.42
CA GLU A 463 35.88 4.43 7.63
C GLU A 463 35.62 4.70 6.15
N SER A 464 34.49 4.21 5.63
CA SER A 464 34.19 4.36 4.21
C SER A 464 34.01 5.82 3.83
N VAL A 465 33.40 6.62 4.71
CA VAL A 465 33.25 8.04 4.45
C VAL A 465 34.61 8.72 4.33
N TYR A 466 35.52 8.37 5.25
CA TYR A 466 36.86 8.96 5.25
C TYR A 466 37.60 8.62 3.97
N LYS A 467 37.57 7.36 3.55
CA LYS A 467 38.34 6.93 2.39
C LYS A 467 37.85 7.60 1.12
N ALA A 468 36.53 7.63 0.91
CA ALA A 468 36.00 8.27 -0.29
C ALA A 468 36.24 9.77 -0.27
N SER A 469 36.09 10.41 0.90
CA SER A 469 36.36 11.84 1.01
C SER A 469 37.81 12.16 0.69
N LEU A 470 38.75 11.35 1.19
CA LEU A 470 40.16 11.58 0.91
C LEU A 470 40.47 11.33 -0.56
N ASN A 471 40.01 10.20 -1.11
CA ASN A 471 40.25 9.89 -2.51
C ASN A 471 39.76 11.01 -3.42
N LEU A 472 38.70 11.72 -3.01
CA LEU A 472 38.18 12.83 -3.82
C LEU A 472 39.10 14.04 -3.74
N ILE A 473 39.58 14.39 -2.54
CA ILE A 473 40.45 15.55 -2.40
C ILE A 473 41.85 15.27 -2.96
N GLU A 474 42.23 13.99 -3.09
CA GLU A 474 43.53 13.69 -3.68
C GLU A 474 43.48 13.78 -5.20
N LYS A 475 42.38 13.30 -5.81
CA LYS A 475 42.31 13.29 -7.26
C LYS A 475 42.13 14.71 -7.82
N TYR A 476 41.19 15.46 -7.27
CA TYR A 476 40.81 16.76 -7.83
C TYR A 476 41.09 17.94 -6.90
N PHE A 477 41.44 17.68 -5.64
CA PHE A 477 41.77 18.72 -4.65
C PHE A 477 40.58 19.62 -4.33
N SER A 478 39.38 19.21 -4.70
CA SER A 478 38.15 19.90 -4.31
C SER A 478 36.93 19.08 -4.68
N VAL B 4 21.07 -1.02 -9.53
CA VAL B 4 19.96 -1.92 -9.25
C VAL B 4 18.80 -1.15 -8.62
N LYS B 5 17.61 -1.74 -8.69
CA LYS B 5 16.43 -1.13 -8.08
C LYS B 5 16.42 -1.37 -6.58
N ARG B 6 15.76 -0.47 -5.86
CA ARG B 6 15.65 -0.57 -4.40
C ARG B 6 14.20 -0.79 -4.00
N PRO B 7 13.82 -1.99 -3.57
CA PRO B 7 12.46 -2.19 -3.04
C PRO B 7 12.37 -1.77 -1.59
N MET B 8 11.66 -0.68 -1.33
CA MET B 8 11.49 -0.16 0.02
C MET B 8 10.40 0.89 0.08
N ARG B 74 -6.90 1.73 4.21
CA ARG B 74 -6.13 0.51 4.42
C ARG B 74 -6.33 -0.18 5.78
N PRO B 75 -7.56 -0.23 6.32
CA PRO B 75 -7.75 -0.86 7.63
C PRO B 75 -7.95 -2.35 7.49
N ARG B 76 -7.23 -3.14 8.30
CA ARG B 76 -7.39 -4.59 8.21
C ARG B 76 -8.73 -5.05 8.75
N ARG B 77 -9.32 -4.32 9.70
CA ARG B 77 -10.57 -4.73 10.32
C ARG B 77 -11.50 -3.56 10.48
N LYS B 78 -12.80 -3.82 10.32
CA LYS B 78 -13.84 -2.81 10.41
C LYS B 78 -14.91 -3.27 11.39
N THR B 79 -15.33 -2.38 12.29
CA THR B 79 -16.41 -2.66 13.23
C THR B 79 -17.66 -1.91 12.78
N LYS B 80 -18.80 -2.59 12.86
CA LYS B 80 -20.08 -2.02 12.42
C LYS B 80 -20.82 -1.44 13.62
N THR B 81 -21.27 -0.20 13.47
CA THR B 81 -21.94 0.48 14.56
C THR B 81 -23.41 0.74 14.22
#